data_4ZIJ
#
_entry.id   4ZIJ
#
_cell.length_a   123.965
_cell.length_b   46.982
_cell.length_c   62.288
_cell.angle_alpha   90.00
_cell.angle_beta   96.20
_cell.angle_gamma   90.00
#
_symmetry.space_group_name_H-M   'C 1 2 1'
#
loop_
_entity.id
_entity.type
_entity.pdbx_description
1 polymer 'Thiol:disulfide interchange protein DsbA'
2 non-polymer '2-{[(4-iodophenyl)sulfonyl]amino}benzoic acid'
3 non-polymer 1,2-ETHANEDIOL
4 water water
#
_entity_poly.entity_id   1
_entity_poly.type   'polypeptide(L)'
_entity_poly.pdbx_seq_one_letter_code
;AQYEDGKQYTTLEKPVAGAPQVLEFFSFFCPHCYQFEEVLHISDNVKKKLPEGVKMTKYHVNFMGGDLGKDLTQAWAVAM
ALGVEDKVTVPLFEGVQKTQTIRSASDIRDVFINAGIKGEEYDAAWNSFVVKSLVAQQEKAAADVQLRGVPAMFVNGKYQ
LNPQGMDTSNMDVFVQQYADTVKYLSEK
;
_entity_poly.pdbx_strand_id   A,B
#
# COMPACT_ATOMS: atom_id res chain seq x y z
N ALA A 1 -18.20 -16.76 15.82
CA ALA A 1 -17.02 -17.32 15.18
C ALA A 1 -16.50 -18.55 15.94
N GLN A 2 -15.97 -19.52 15.22
CA GLN A 2 -15.36 -20.68 15.85
C GLN A 2 -13.85 -20.46 15.94
N TYR A 3 -13.39 -19.98 17.09
CA TYR A 3 -11.97 -19.70 17.23
C TYR A 3 -11.16 -20.99 17.36
N GLU A 4 -10.12 -21.10 16.55
CA GLU A 4 -9.23 -22.24 16.59
C GLU A 4 -7.79 -21.77 16.42
N ASP A 5 -6.90 -22.36 17.19
CA ASP A 5 -5.48 -22.03 17.07
C ASP A 5 -4.98 -22.37 15.67
N GLY A 6 -4.39 -21.40 14.99
CA GLY A 6 -3.89 -21.60 13.65
C GLY A 6 -4.81 -20.98 12.62
N LYS A 7 -6.00 -20.59 13.07
CA LYS A 7 -6.97 -19.98 12.18
C LYS A 7 -7.00 -18.45 12.33
N GLN A 8 -7.60 -17.96 13.41
CA GLN A 8 -7.63 -16.51 13.63
C GLN A 8 -6.40 -16.04 14.39
N TYR A 9 -5.71 -16.97 15.03
CA TYR A 9 -4.55 -16.63 15.83
C TYR A 9 -3.62 -17.81 15.99
N THR A 10 -2.40 -17.54 16.46
CA THR A 10 -1.47 -18.59 16.81
C THR A 10 -0.99 -18.33 18.22
N THR A 11 -0.34 -19.33 18.81
CA THR A 11 0.11 -19.26 20.19
C THR A 11 1.63 -19.32 20.24
N LEU A 12 2.25 -18.35 20.89
CA LEU A 12 3.71 -18.34 21.05
C LEU A 12 4.22 -19.54 21.86
N GLU A 13 5.37 -20.06 21.44
CA GLU A 13 5.97 -21.20 22.13
C GLU A 13 6.41 -20.81 23.54
N LYS A 14 7.03 -19.63 23.65
CA LYS A 14 7.52 -19.12 24.92
C LYS A 14 6.95 -17.73 25.17
N PRO A 15 5.80 -17.67 25.86
CA PRO A 15 5.11 -16.40 26.15
C PRO A 15 6.02 -15.40 26.86
N VAL A 16 5.84 -14.12 26.54
CA VAL A 16 6.68 -13.07 27.09
C VAL A 16 6.11 -12.53 28.40
N ALA A 17 6.94 -12.46 29.43
CA ALA A 17 6.49 -11.91 30.71
C ALA A 17 6.58 -10.38 30.67
N GLY A 18 5.66 -9.72 31.36
CA GLY A 18 5.65 -8.27 31.45
C GLY A 18 5.28 -7.60 30.14
N ALA A 19 4.68 -8.38 29.24
CA ALA A 19 4.28 -7.87 27.94
C ALA A 19 3.04 -7.00 28.03
N PRO A 20 2.96 -5.96 27.18
CA PRO A 20 1.76 -5.13 27.05
C PRO A 20 0.57 -6.02 26.72
N GLN A 21 -0.61 -5.65 27.20
N GLN A 21 -0.61 -5.66 27.20
CA GLN A 21 -1.81 -6.43 26.98
CA GLN A 21 -1.80 -6.48 26.96
C GLN A 21 -2.12 -6.54 25.49
C GLN A 21 -2.09 -6.55 25.47
N VAL A 22 -1.96 -5.43 24.78
CA VAL A 22 -2.15 -5.41 23.33
C VAL A 22 -0.95 -4.67 22.74
N LEU A 23 -0.18 -5.38 21.91
CA LEU A 23 1.05 -4.86 21.33
C LEU A 23 1.05 -5.02 19.83
N GLU A 24 1.10 -3.89 19.12
CA GLU A 24 1.15 -3.91 17.65
C GLU A 24 2.52 -3.55 17.13
N PHE A 25 2.99 -4.21 16.08
CA PHE A 25 4.22 -3.80 15.40
C PHE A 25 3.89 -3.38 13.98
N PHE A 26 4.56 -2.34 13.49
CA PHE A 26 4.36 -1.88 12.12
C PHE A 26 5.64 -1.27 11.56
N SER A 27 5.62 -0.96 10.27
CA SER A 27 6.68 -0.20 9.62
C SER A 27 6.06 0.81 8.67
N PHE A 28 6.64 1.99 8.57
CA PHE A 28 6.12 2.95 7.61
C PHE A 28 6.42 2.54 6.17
N PHE A 29 7.22 1.48 5.99
CA PHE A 29 7.49 0.93 4.66
C PHE A 29 6.56 -0.22 4.31
N CYS A 30 5.75 -0.63 5.27
CA CYS A 30 4.91 -1.84 5.15
C CYS A 30 3.57 -1.55 4.46
N PRO A 31 3.35 -2.16 3.29
CA PRO A 31 2.11 -1.91 2.53
C PRO A 31 0.84 -2.25 3.31
N HIS A 32 0.78 -3.41 3.94
CA HIS A 32 -0.44 -3.75 4.68
C HIS A 32 -0.64 -2.79 5.83
N CYS A 33 0.46 -2.32 6.42
CA CYS A 33 0.39 -1.38 7.54
C CYS A 33 -0.23 -0.06 7.13
N TYR A 34 0.05 0.36 5.91
CA TYR A 34 -0.56 1.57 5.33
C TYR A 34 -2.06 1.43 5.29
N GLN A 35 -2.53 0.27 4.82
CA GLN A 35 -3.96 -0.01 4.79
C GLN A 35 -4.55 -0.10 6.20
N PHE A 36 -3.86 -0.78 7.11
CA PHE A 36 -4.28 -0.87 8.52
C PHE A 36 -4.51 0.50 9.14
N GLU A 37 -3.71 1.47 8.71
CA GLU A 37 -3.86 2.84 9.18
C GLU A 37 -4.93 3.64 8.43
N GLU A 38 -4.80 3.73 7.11
CA GLU A 38 -5.56 4.71 6.34
C GLU A 38 -7.00 4.33 6.00
N VAL A 39 -7.26 3.05 5.72
CA VAL A 39 -8.61 2.67 5.27
C VAL A 39 -9.30 1.68 6.23
N LEU A 40 -8.52 0.92 6.99
CA LEU A 40 -9.10 -0.06 7.91
C LEU A 40 -9.16 0.48 9.34
N HIS A 41 -8.23 1.35 9.70
CA HIS A 41 -8.17 1.90 11.05
C HIS A 41 -8.24 0.80 12.11
N ILE A 42 -7.39 -0.21 11.96
CA ILE A 42 -7.38 -1.38 12.84
C ILE A 42 -7.25 -0.98 14.33
N SER A 43 -6.30 -0.12 14.65
CA SER A 43 -6.05 0.24 16.04
C SER A 43 -7.26 0.89 16.68
N ASP A 44 -7.87 1.83 15.97
CA ASP A 44 -9.07 2.52 16.46
C ASP A 44 -10.21 1.55 16.75
N ASN A 45 -10.40 0.59 15.86
CA ASN A 45 -11.51 -0.32 16.00
C ASN A 45 -11.23 -1.41 17.01
N VAL A 46 -9.96 -1.76 17.20
CA VAL A 46 -9.63 -2.67 18.28
C VAL A 46 -9.88 -1.97 19.62
N LYS A 47 -9.43 -0.73 19.72
CA LYS A 47 -9.64 0.07 20.94
C LYS A 47 -11.12 0.19 21.30
N LYS A 48 -11.95 0.36 20.28
CA LYS A 48 -13.38 0.55 20.48
C LYS A 48 -14.02 -0.71 21.06
N LYS A 49 -13.56 -1.87 20.61
CA LYS A 49 -14.15 -3.16 20.99
C LYS A 49 -13.72 -3.58 22.39
N LEU A 50 -12.53 -3.16 22.78
CA LEU A 50 -11.96 -3.52 24.07
C LEU A 50 -12.46 -2.59 25.18
N PRO A 51 -12.45 -3.10 26.43
CA PRO A 51 -12.83 -2.28 27.58
C PRO A 51 -11.94 -1.06 27.74
N GLU A 52 -12.50 0.03 28.25
CA GLU A 52 -11.69 1.19 28.58
C GLU A 52 -10.69 0.77 29.64
N GLY A 53 -9.43 1.10 29.44
CA GLY A 53 -8.40 0.77 30.41
C GLY A 53 -7.49 -0.36 29.95
N VAL A 54 -7.76 -0.88 28.76
CA VAL A 54 -6.87 -1.88 28.18
C VAL A 54 -5.73 -1.13 27.48
N LYS A 55 -4.51 -1.43 27.88
CA LYS A 55 -3.34 -0.76 27.33
C LYS A 55 -3.06 -1.23 25.91
N MET A 56 -3.04 -0.31 24.96
CA MET A 56 -2.60 -0.65 23.61
C MET A 56 -1.26 0.02 23.33
N THR A 57 -0.33 -0.75 22.79
CA THR A 57 1.01 -0.27 22.51
C THR A 57 1.35 -0.52 21.05
N LYS A 58 2.01 0.44 20.40
CA LYS A 58 2.39 0.29 19.00
C LYS A 58 3.86 0.67 18.81
N TYR A 59 4.64 -0.26 18.26
CA TYR A 59 6.07 -0.08 18.03
C TYR A 59 6.42 -0.21 16.55
N HIS A 60 7.47 0.51 16.14
CA HIS A 60 8.00 0.49 14.78
C HIS A 60 9.16 -0.49 14.70
N VAL A 61 9.35 -1.11 13.53
CA VAL A 61 10.38 -2.10 13.37
C VAL A 61 11.46 -1.67 12.39
N ASN A 62 12.62 -2.30 12.48
CA ASN A 62 13.81 -1.92 11.72
C ASN A 62 13.92 -2.60 10.36
N PHE A 63 13.40 -3.81 10.24
CA PHE A 63 13.78 -4.70 9.14
C PHE A 63 13.17 -4.36 7.78
N MET A 64 12.64 -3.15 7.65
CA MET A 64 12.12 -2.67 6.37
CA MET A 64 12.16 -2.68 6.37
C MET A 64 12.68 -1.27 6.09
N GLY A 65 13.15 -1.03 4.88
CA GLY A 65 13.56 0.31 4.46
C GLY A 65 15.00 0.75 4.60
N GLY A 66 15.93 -0.18 4.85
CA GLY A 66 17.33 0.17 4.97
C GLY A 66 17.68 1.20 6.04
N ASP A 67 18.66 2.05 5.74
CA ASP A 67 19.12 3.06 6.68
C ASP A 67 17.97 3.96 7.16
N LEU A 68 17.05 4.26 6.26
CA LEU A 68 15.93 5.11 6.60
C LEU A 68 14.97 4.39 7.56
N GLY A 69 14.95 3.07 7.50
CA GLY A 69 14.11 2.28 8.39
C GLY A 69 14.49 2.43 9.85
N LYS A 70 15.80 2.42 10.13
CA LYS A 70 16.29 2.62 11.50
C LYS A 70 15.92 4.01 11.97
N ASP A 71 16.08 4.99 11.09
CA ASP A 71 15.74 6.38 11.40
C ASP A 71 14.27 6.53 11.72
N LEU A 72 13.41 5.79 11.03
CA LEU A 72 11.98 5.87 11.26
C LEU A 72 11.62 5.24 12.61
N THR A 73 12.38 4.23 13.02
CA THR A 73 12.18 3.66 14.34
C THR A 73 12.54 4.69 15.42
N GLN A 74 13.63 5.43 15.19
CA GLN A 74 14.00 6.50 16.11
C GLN A 74 12.98 7.64 16.07
N ALA A 75 12.47 7.94 14.89
CA ALA A 75 11.44 8.96 14.74
C ALA A 75 10.16 8.55 15.48
N TRP A 76 9.84 7.27 15.44
CA TRP A 76 8.63 6.78 16.12
C TRP A 76 8.83 6.89 17.63
N ALA A 77 10.06 6.66 18.09
CA ALA A 77 10.38 6.87 19.51
C ALA A 77 10.18 8.34 19.89
N VAL A 78 10.64 9.26 19.04
CA VAL A 78 10.37 10.68 19.27
C VAL A 78 8.88 10.93 19.37
N ALA A 79 8.10 10.34 18.46
CA ALA A 79 6.66 10.55 18.48
C ALA A 79 6.04 10.03 19.76
N MET A 80 6.51 8.88 20.24
CA MET A 80 6.00 8.33 21.50
C MET A 80 6.39 9.20 22.68
N ALA A 81 7.63 9.68 22.70
CA ALA A 81 8.11 10.52 23.78
C ALA A 81 7.32 11.82 23.89
N LEU A 82 7.01 12.42 22.73
CA LEU A 82 6.34 13.73 22.69
C LEU A 82 4.83 13.57 22.67
N GLY A 83 4.37 12.33 22.43
CA GLY A 83 2.96 12.04 22.41
C GLY A 83 2.24 12.57 21.18
N VAL A 84 2.96 12.60 20.06
CA VAL A 84 2.41 13.16 18.83
C VAL A 84 2.26 12.10 17.74
N GLU A 85 2.12 10.83 18.13
CA GLU A 85 1.88 9.75 17.18
C GLU A 85 0.76 10.08 16.20
N ASP A 86 -0.35 10.61 16.71
CA ASP A 86 -1.51 10.83 15.83
C ASP A 86 -1.28 11.98 14.85
N LYS A 87 -0.33 12.85 15.17
CA LYS A 87 0.04 13.97 14.31
C LYS A 87 0.90 13.56 13.12
N VAL A 88 1.74 12.53 13.29
CA VAL A 88 2.74 12.25 12.26
C VAL A 88 2.52 10.94 11.52
N THR A 89 1.63 10.09 12.01
CA THR A 89 1.48 8.79 11.36
C THR A 89 1.12 8.91 9.88
N VAL A 90 0.10 9.70 9.55
CA VAL A 90 -0.31 9.81 8.14
C VAL A 90 0.77 10.47 7.25
N PRO A 91 1.33 11.62 7.66
CA PRO A 91 2.34 12.18 6.75
C PRO A 91 3.63 11.33 6.63
N LEU A 92 3.97 10.56 7.66
CA LEU A 92 5.09 9.62 7.52
C LEU A 92 4.72 8.48 6.56
N PHE A 93 3.54 7.90 6.73
CA PHE A 93 3.12 6.85 5.81
C PHE A 93 3.08 7.35 4.35
N GLU A 94 2.48 8.50 4.14
CA GLU A 94 2.33 9.00 2.78
C GLU A 94 3.66 9.49 2.24
N GLY A 95 4.49 10.06 3.10
CA GLY A 95 5.81 10.54 2.68
C GLY A 95 6.69 9.38 2.21
N VAL A 96 6.53 8.21 2.84
CA VAL A 96 7.30 7.04 2.41
C VAL A 96 6.68 6.35 1.20
N GLN A 97 5.40 5.99 1.30
CA GLN A 97 4.78 5.09 0.32
C GLN A 97 4.03 5.77 -0.80
N LYS A 98 3.47 6.96 -0.54
CA LYS A 98 2.61 7.62 -1.54
C LYS A 98 3.38 8.60 -2.42
N THR A 99 3.97 9.61 -1.80
CA THR A 99 4.72 10.63 -2.55
C THR A 99 6.19 10.30 -2.67
N GLN A 100 6.68 9.40 -1.81
CA GLN A 100 8.09 9.01 -1.77
C GLN A 100 9.01 10.23 -1.64
N THR A 101 8.59 11.17 -0.80
CA THR A 101 9.37 12.37 -0.55
C THR A 101 10.25 12.23 0.69
N ILE A 102 10.04 11.15 1.44
CA ILE A 102 10.88 10.88 2.60
C ILE A 102 12.02 9.95 2.18
N ARG A 103 13.21 10.52 2.09
CA ARG A 103 14.40 9.80 1.61
C ARG A 103 15.56 9.83 2.62
N SER A 104 15.49 10.71 3.61
CA SER A 104 16.53 10.81 4.64
C SER A 104 15.97 11.32 5.95
N ALA A 105 16.78 11.27 7.01
CA ALA A 105 16.35 11.76 8.30
C ALA A 105 15.88 13.21 8.26
N SER A 106 16.46 14.03 7.36
CA SER A 106 16.05 15.43 7.27
CA SER A 106 16.06 15.43 7.28
C SER A 106 14.61 15.57 6.79
N ASP A 107 14.17 14.68 5.92
CA ASP A 107 12.80 14.68 5.43
C ASP A 107 11.83 14.30 6.54
N ILE A 108 12.28 13.42 7.42
CA ILE A 108 11.46 12.99 8.56
C ILE A 108 11.27 14.19 9.47
N ARG A 109 12.37 14.91 9.70
CA ARG A 109 12.31 16.12 10.50
C ARG A 109 11.31 17.13 9.93
N ASP A 110 11.36 17.35 8.62
CA ASP A 110 10.43 18.28 7.96
C ASP A 110 8.98 17.89 8.25
N VAL A 111 8.70 16.59 8.28
CA VAL A 111 7.34 16.12 8.54
C VAL A 111 6.87 16.51 9.95
N PHE A 112 7.75 16.33 10.93
CA PHE A 112 7.40 16.69 12.31
C PHE A 112 7.19 18.19 12.42
N ILE A 113 8.07 18.98 11.80
CA ILE A 113 7.94 20.44 11.80
CA ILE A 113 7.93 20.43 11.82
C ILE A 113 6.62 20.88 11.18
N ASN A 114 6.26 20.27 10.05
CA ASN A 114 5.03 20.63 9.37
C ASN A 114 3.79 20.20 10.12
N ALA A 115 3.94 19.19 10.98
CA ALA A 115 2.86 18.73 11.82
C ALA A 115 2.76 19.58 13.10
N GLY A 116 3.55 20.64 13.16
CA GLY A 116 3.49 21.57 14.27
C GLY A 116 4.48 21.36 15.40
N ILE A 117 5.30 20.32 15.31
CA ILE A 117 6.31 20.10 16.35
C ILE A 117 7.43 21.10 16.15
N LYS A 118 7.77 21.84 17.20
CA LYS A 118 8.85 22.82 17.13
C LYS A 118 10.18 22.14 16.84
N GLY A 119 10.94 22.69 15.90
CA GLY A 119 12.22 22.11 15.51
C GLY A 119 13.16 21.81 16.66
N GLU A 120 13.29 22.77 17.57
CA GLU A 120 14.20 22.61 18.70
C GLU A 120 13.74 21.48 19.61
N GLU A 121 12.42 21.31 19.74
CA GLU A 121 11.87 20.24 20.55
C GLU A 121 12.11 18.89 19.90
N TYR A 122 11.98 18.85 18.59
CA TYR A 122 12.25 17.62 17.87
C TYR A 122 13.71 17.20 18.01
N ASP A 123 14.61 18.16 17.82
CA ASP A 123 16.04 17.87 17.85
C ASP A 123 16.49 17.37 19.21
N ALA A 124 15.94 17.99 20.26
CA ALA A 124 16.25 17.59 21.63
C ALA A 124 15.77 16.17 21.89
N ALA A 125 14.58 15.85 21.38
CA ALA A 125 14.02 14.53 21.57
C ALA A 125 14.81 13.53 20.76
N TRP A 126 15.13 13.89 19.51
CA TRP A 126 15.86 12.99 18.62
C TRP A 126 17.15 12.51 19.27
N ASN A 127 17.82 13.42 19.99
CA ASN A 127 19.11 13.12 20.56
C ASN A 127 19.05 12.65 22.01
N SER A 128 17.84 12.52 22.55
CA SER A 128 17.68 12.24 23.98
C SER A 128 17.89 10.77 24.32
N PHE A 129 18.31 10.52 25.55
CA PHE A 129 18.47 9.14 26.01
C PHE A 129 17.12 8.51 26.36
N VAL A 130 16.11 9.32 26.63
CA VAL A 130 14.75 8.77 26.73
C VAL A 130 14.36 8.13 25.40
N VAL A 131 14.68 8.81 24.30
CA VAL A 131 14.35 8.29 22.97
C VAL A 131 15.25 7.09 22.65
N LYS A 132 16.53 7.15 22.99
CA LYS A 132 17.41 5.99 22.85
C LYS A 132 16.83 4.75 23.55
N SER A 133 16.31 4.95 24.76
CA SER A 133 15.71 3.87 25.51
C SER A 133 14.49 3.29 24.80
N LEU A 134 13.67 4.16 24.23
CA LEU A 134 12.46 3.76 23.51
C LEU A 134 12.82 2.96 22.27
N VAL A 135 13.95 3.28 21.64
CA VAL A 135 14.40 2.54 20.47
C VAL A 135 14.81 1.14 20.89
N ALA A 136 15.56 1.06 21.99
CA ALA A 136 15.94 -0.21 22.57
C ALA A 136 14.71 -1.03 22.97
N GLN A 137 13.71 -0.36 23.53
CA GLN A 137 12.48 -1.03 23.94
C GLN A 137 11.75 -1.67 22.76
N GLN A 138 11.64 -0.91 21.67
CA GLN A 138 10.98 -1.38 20.46
C GLN A 138 11.70 -2.60 19.89
N GLU A 139 13.03 -2.52 19.86
CA GLU A 139 13.85 -3.61 19.33
C GLU A 139 13.76 -4.85 20.21
N LYS A 140 13.87 -4.67 21.52
CA LYS A 140 13.76 -5.80 22.44
C LYS A 140 12.39 -6.47 22.35
N ALA A 141 11.33 -5.67 22.23
CA ALA A 141 9.98 -6.21 22.18
C ALA A 141 9.82 -7.13 20.97
N ALA A 142 10.37 -6.70 19.84
CA ALA A 142 10.30 -7.49 18.60
C ALA A 142 11.09 -8.78 18.76
N ALA A 143 12.28 -8.68 19.34
CA ALA A 143 13.11 -9.86 19.54
C ALA A 143 12.43 -10.85 20.48
N ASP A 144 11.76 -10.34 21.51
CA ASP A 144 11.11 -11.19 22.49
C ASP A 144 10.03 -12.08 21.88
N VAL A 145 9.37 -11.61 20.82
CA VAL A 145 8.33 -12.42 20.20
C VAL A 145 8.78 -13.02 18.89
N GLN A 146 10.08 -13.02 18.64
CA GLN A 146 10.65 -13.56 17.41
C GLN A 146 9.96 -12.98 16.18
N LEU A 147 9.80 -11.66 16.15
CA LEU A 147 9.05 -11.01 15.09
C LEU A 147 9.70 -11.15 13.71
N ARG A 148 8.91 -11.61 12.73
CA ARG A 148 9.45 -11.90 11.40
C ARG A 148 8.78 -11.07 10.32
N GLY A 149 7.72 -10.36 10.67
CA GLY A 149 6.99 -9.58 9.69
C GLY A 149 5.99 -8.65 10.32
N VAL A 150 5.53 -7.68 9.55
CA VAL A 150 4.52 -6.73 10.01
C VAL A 150 3.43 -6.62 8.93
N PRO A 151 2.21 -6.16 9.29
CA PRO A 151 1.74 -5.83 10.63
C PRO A 151 1.63 -7.07 11.50
N ALA A 152 1.73 -6.87 12.81
CA ALA A 152 1.63 -7.97 13.75
C ALA A 152 1.02 -7.46 15.03
N MET A 153 0.18 -8.27 15.67
CA MET A 153 -0.34 -7.89 16.96
C MET A 153 -0.25 -9.03 17.92
N PHE A 154 0.13 -8.71 19.15
CA PHE A 154 0.26 -9.73 20.18
C PHE A 154 -0.61 -9.41 21.38
N VAL A 155 -1.24 -10.44 21.92
CA VAL A 155 -2.13 -10.24 23.05
C VAL A 155 -1.57 -10.95 24.29
N ASN A 156 -1.35 -10.16 25.35
CA ASN A 156 -0.82 -10.65 26.61
C ASN A 156 0.48 -11.43 26.45
N GLY A 157 1.27 -11.06 25.45
CA GLY A 157 2.54 -11.71 25.16
C GLY A 157 2.44 -13.20 24.86
N LYS A 158 1.25 -13.65 24.47
CA LYS A 158 1.05 -15.08 24.31
C LYS A 158 0.41 -15.46 22.97
N TYR A 159 -0.52 -14.65 22.50
CA TYR A 159 -1.22 -14.92 21.26
C TYR A 159 -0.90 -13.91 20.17
N GLN A 160 -0.72 -14.41 18.97
CA GLN A 160 -0.42 -13.58 17.81
C GLN A 160 -1.56 -13.60 16.83
N LEU A 161 -2.04 -12.42 16.42
CA LEU A 161 -3.14 -12.36 15.46
C LEU A 161 -2.73 -13.01 14.15
N ASN A 162 -3.68 -13.66 13.46
CA ASN A 162 -3.40 -14.21 12.15
C ASN A 162 -4.39 -13.70 11.10
N PRO A 163 -4.15 -12.48 10.57
CA PRO A 163 -5.07 -11.86 9.62
C PRO A 163 -5.21 -12.63 8.30
N GLN A 164 -4.21 -13.45 7.98
CA GLN A 164 -4.20 -14.17 6.71
C GLN A 164 -5.37 -15.13 6.61
N GLY A 165 -5.89 -15.54 7.76
CA GLY A 165 -6.98 -16.49 7.79
C GLY A 165 -8.35 -15.84 7.89
N MET A 166 -8.39 -14.51 7.81
CA MET A 166 -9.66 -13.81 7.94
C MET A 166 -10.26 -13.42 6.58
N ASP A 167 -11.54 -13.11 6.59
CA ASP A 167 -12.27 -12.85 5.36
CA ASP A 167 -12.31 -12.83 5.38
C ASP A 167 -11.90 -11.48 4.75
N THR A 168 -11.62 -11.48 3.45
CA THR A 168 -11.17 -10.25 2.78
C THR A 168 -12.09 -9.83 1.61
N SER A 169 -13.35 -10.18 1.71
CA SER A 169 -14.36 -9.76 0.73
CA SER A 169 -14.34 -9.76 0.72
C SER A 169 -14.87 -8.36 1.03
N ASN A 170 -14.88 -8.02 2.31
CA ASN A 170 -15.43 -6.76 2.82
C ASN A 170 -14.47 -6.17 3.84
N MET A 171 -14.09 -4.90 3.67
CA MET A 171 -13.16 -4.25 4.59
C MET A 171 -13.67 -4.26 6.03
N ASP A 172 -14.94 -3.94 6.22
CA ASP A 172 -15.43 -3.79 7.59
C ASP A 172 -15.66 -5.15 8.25
N VAL A 173 -15.92 -6.18 7.44
CA VAL A 173 -16.01 -7.52 7.98
C VAL A 173 -14.63 -7.97 8.44
N PHE A 174 -13.61 -7.65 7.64
CA PHE A 174 -12.25 -7.99 8.00
C PHE A 174 -11.89 -7.34 9.34
N VAL A 175 -12.23 -6.06 9.47
CA VAL A 175 -11.93 -5.32 10.69
C VAL A 175 -12.69 -5.91 11.86
N GLN A 176 -13.96 -6.23 11.64
CA GLN A 176 -14.80 -6.86 12.66
C GLN A 176 -14.21 -8.20 13.13
N GLN A 177 -13.77 -9.04 12.19
CA GLN A 177 -13.21 -10.34 12.57
C GLN A 177 -11.90 -10.15 13.33
N TYR A 178 -11.12 -9.17 12.89
CA TYR A 178 -9.83 -8.90 13.52
C TYR A 178 -10.03 -8.40 14.94
N ALA A 179 -10.89 -7.40 15.10
CA ALA A 179 -11.16 -6.82 16.41
C ALA A 179 -11.79 -7.84 17.35
N ASP A 180 -12.75 -8.60 16.85
CA ASP A 180 -13.40 -9.61 17.67
C ASP A 180 -12.43 -10.69 18.11
N THR A 181 -11.41 -10.97 17.29
CA THR A 181 -10.40 -11.96 17.71
C THR A 181 -9.57 -11.37 18.85
N VAL A 182 -9.19 -10.10 18.73
CA VAL A 182 -8.44 -9.47 19.80
C VAL A 182 -9.22 -9.52 21.12
N LYS A 183 -10.51 -9.20 21.06
CA LYS A 183 -11.39 -9.27 22.23
C LYS A 183 -11.43 -10.68 22.84
N TYR A 184 -11.64 -11.66 21.98
CA TYR A 184 -11.66 -13.06 22.39
C TYR A 184 -10.37 -13.47 23.11
N LEU A 185 -9.23 -13.09 22.53
CA LEU A 185 -7.93 -13.40 23.10
C LEU A 185 -7.68 -12.66 24.40
N SER A 186 -8.13 -11.42 24.49
CA SER A 186 -7.92 -10.63 25.71
C SER A 186 -8.65 -11.27 26.90
N GLU A 187 -9.75 -11.95 26.62
CA GLU A 187 -10.55 -12.61 27.65
C GLU A 187 -10.07 -14.05 27.91
N LYS A 188 -9.02 -14.44 27.21
CA LYS A 188 -8.52 -15.81 27.26
C LYS A 188 -7.42 -15.97 28.31
N ALA B 1 18.57 14.27 -21.92
CA ALA B 1 18.51 12.86 -21.54
C ALA B 1 19.40 12.01 -22.43
N GLN B 2 20.19 11.14 -21.79
CA GLN B 2 21.01 10.18 -22.51
C GLN B 2 20.61 8.78 -22.05
N TYR B 3 20.06 7.99 -22.95
CA TYR B 3 19.44 6.72 -22.56
C TYR B 3 20.44 5.58 -22.53
N GLU B 4 20.44 4.84 -21.43
CA GLU B 4 21.27 3.64 -21.27
C GLU B 4 20.44 2.56 -20.62
N ASP B 5 20.63 1.33 -21.08
CA ASP B 5 20.05 0.17 -20.42
C ASP B 5 20.52 0.15 -18.96
N GLY B 6 19.58 -0.04 -18.03
CA GLY B 6 19.93 -0.03 -16.63
C GLY B 6 19.71 1.32 -15.96
N LYS B 7 19.51 2.35 -16.76
CA LYS B 7 19.35 3.71 -16.25
C LYS B 7 17.86 4.05 -16.19
N GLN B 8 17.32 4.58 -17.29
CA GLN B 8 15.90 4.97 -17.30
C GLN B 8 14.98 3.77 -17.48
N TYR B 9 15.57 2.63 -17.84
CA TYR B 9 14.81 1.41 -18.08
C TYR B 9 15.72 0.23 -17.91
N THR B 10 15.13 -0.97 -17.83
CA THR B 10 15.91 -2.19 -17.80
C THR B 10 15.37 -3.09 -18.91
N THR B 11 16.12 -4.14 -19.25
CA THR B 11 15.68 -5.03 -20.32
C THR B 11 15.35 -6.42 -19.78
N LEU B 12 14.11 -6.84 -20.02
CA LEU B 12 13.63 -8.14 -19.57
C LEU B 12 14.49 -9.27 -20.12
N GLU B 13 14.87 -10.20 -19.23
CA GLU B 13 15.67 -11.36 -19.60
C GLU B 13 14.86 -12.29 -20.49
N LYS B 14 13.55 -12.34 -20.23
CA LYS B 14 12.64 -13.16 -21.02
C LYS B 14 11.57 -12.26 -21.61
N PRO B 15 11.80 -11.79 -22.84
CA PRO B 15 10.86 -10.87 -23.49
C PRO B 15 9.54 -11.55 -23.84
N VAL B 16 8.47 -10.76 -23.87
CA VAL B 16 7.13 -11.28 -24.05
C VAL B 16 6.61 -11.06 -25.47
N ALA B 17 6.37 -12.13 -26.22
CA ALA B 17 5.82 -11.99 -27.57
C ALA B 17 4.35 -11.57 -27.52
N GLY B 18 3.97 -10.67 -28.42
CA GLY B 18 2.58 -10.26 -28.53
C GLY B 18 2.08 -9.40 -27.39
N ALA B 19 3.01 -8.80 -26.64
CA ALA B 19 2.63 -7.90 -25.56
C ALA B 19 2.05 -6.62 -26.13
N PRO B 20 1.13 -5.97 -25.37
CA PRO B 20 0.72 -4.60 -25.73
C PRO B 20 1.94 -3.72 -25.97
N GLN B 21 1.85 -2.74 -26.85
CA GLN B 21 2.98 -1.87 -27.12
C GLN B 21 3.43 -1.13 -25.86
N VAL B 22 2.46 -0.64 -25.09
CA VAL B 22 2.77 0.02 -23.83
C VAL B 22 1.84 -0.54 -22.77
N LEU B 23 2.42 -1.20 -21.77
CA LEU B 23 1.63 -1.92 -20.77
C LEU B 23 1.93 -1.44 -19.36
N GLU B 24 0.90 -0.94 -18.69
CA GLU B 24 1.01 -0.36 -17.35
C GLU B 24 0.24 -1.23 -16.37
N PHE B 25 0.80 -1.44 -15.18
CA PHE B 25 0.13 -2.21 -14.13
C PHE B 25 -0.12 -1.31 -12.94
N PHE B 26 -1.23 -1.53 -12.24
CA PHE B 26 -1.55 -0.76 -11.06
C PHE B 26 -2.50 -1.52 -10.14
N SER B 27 -2.67 -0.99 -8.94
CA SER B 27 -3.74 -1.44 -8.04
C SER B 27 -4.44 -0.23 -7.45
N PHE B 28 -5.75 -0.34 -7.26
CA PHE B 28 -6.50 0.77 -6.66
C PHE B 28 -6.17 0.92 -5.18
N PHE B 29 -5.55 -0.10 -4.59
CA PHE B 29 -5.12 -0.03 -3.19
C PHE B 29 -3.77 0.68 -3.08
N CYS B 30 -3.03 0.67 -4.18
CA CYS B 30 -1.61 1.08 -4.20
C CYS B 30 -1.43 2.61 -4.09
N PRO B 31 -0.82 3.07 -2.99
CA PRO B 31 -0.68 4.50 -2.71
C PRO B 31 0.14 5.23 -3.76
N HIS B 32 1.26 4.65 -4.18
CA HIS B 32 2.07 5.31 -5.19
C HIS B 32 1.42 5.23 -6.58
N CYS B 33 0.54 4.24 -6.78
CA CYS B 33 -0.27 4.16 -7.99
C CYS B 33 -1.25 5.31 -8.07
N TYR B 34 -1.87 5.62 -6.93
CA TYR B 34 -2.72 6.80 -6.81
C TYR B 34 -1.92 8.06 -7.16
N GLN B 35 -0.73 8.16 -6.60
CA GLN B 35 0.16 9.26 -6.90
C GLN B 35 0.39 9.34 -8.41
N PHE B 36 0.77 8.22 -9.03
CA PHE B 36 1.01 8.19 -10.47
C PHE B 36 -0.17 8.69 -11.27
N GLU B 37 -1.35 8.15 -10.98
CA GLU B 37 -2.48 8.37 -11.85
C GLU B 37 -3.27 9.63 -11.51
N GLU B 38 -3.56 9.84 -10.24
CA GLU B 38 -4.44 10.92 -9.82
C GLU B 38 -3.71 12.25 -9.62
N VAL B 39 -2.42 12.18 -9.31
CA VAL B 39 -1.67 13.39 -9.02
C VAL B 39 -0.71 13.76 -10.16
N LEU B 40 0.09 12.79 -10.58
CA LEU B 40 1.08 13.02 -11.63
C LEU B 40 0.51 12.87 -13.05
N HIS B 41 -0.55 12.08 -13.18
CA HIS B 41 -1.16 11.78 -14.47
C HIS B 41 -0.16 11.17 -15.44
N ILE B 42 0.57 10.15 -14.97
CA ILE B 42 1.56 9.46 -15.77
C ILE B 42 0.98 8.87 -17.08
N SER B 43 -0.07 8.08 -16.97
CA SER B 43 -0.69 7.46 -18.16
C SER B 43 -0.99 8.50 -19.22
N ASP B 44 -1.59 9.61 -18.80
CA ASP B 44 -2.04 10.63 -19.73
C ASP B 44 -0.87 11.36 -20.37
N ASN B 45 0.15 11.66 -19.56
CA ASN B 45 1.32 12.36 -20.06
C ASN B 45 2.16 11.49 -21.00
N VAL B 46 2.20 10.19 -20.73
CA VAL B 46 2.85 9.25 -21.63
C VAL B 46 2.09 9.23 -22.96
N LYS B 47 0.77 9.05 -22.89
CA LYS B 47 -0.12 9.05 -24.03
C LYS B 47 0.09 10.27 -24.94
N LYS B 48 0.13 11.46 -24.34
CA LYS B 48 0.25 12.70 -25.11
C LYS B 48 1.55 12.81 -25.88
N LYS B 49 2.53 11.98 -25.51
CA LYS B 49 3.83 12.02 -26.16
C LYS B 49 4.07 10.83 -27.08
N LEU B 50 3.20 9.83 -26.99
CA LEU B 50 3.37 8.64 -27.81
C LEU B 50 3.08 8.93 -29.26
N PRO B 51 3.85 8.29 -30.16
CA PRO B 51 3.64 8.41 -31.60
C PRO B 51 2.23 7.97 -31.98
N GLU B 52 1.72 8.50 -33.09
CA GLU B 52 0.38 8.18 -33.54
C GLU B 52 0.23 6.68 -33.79
N GLY B 53 -0.83 6.09 -33.26
CA GLY B 53 -1.11 4.68 -33.49
C GLY B 53 -0.78 3.79 -32.30
N VAL B 54 0.19 4.23 -31.49
CA VAL B 54 0.58 3.46 -30.32
C VAL B 54 -0.48 3.63 -29.23
N LYS B 55 -1.13 2.53 -28.87
CA LYS B 55 -2.17 2.54 -27.84
C LYS B 55 -1.59 2.14 -26.50
N MET B 56 -2.22 2.61 -25.44
CA MET B 56 -1.76 2.27 -24.10
C MET B 56 -2.69 1.25 -23.48
N THR B 57 -2.11 0.32 -22.74
CA THR B 57 -2.88 -0.72 -22.10
C THR B 57 -2.59 -0.62 -20.61
N LYS B 58 -3.63 -0.76 -19.78
CA LYS B 58 -3.48 -0.68 -18.34
C LYS B 58 -4.20 -1.85 -17.68
N TYR B 59 -3.48 -2.58 -16.82
CA TYR B 59 -4.04 -3.76 -16.15
C TYR B 59 -4.00 -3.61 -14.63
N HIS B 60 -5.00 -4.17 -13.94
CA HIS B 60 -5.05 -4.19 -12.48
C HIS B 60 -4.44 -5.48 -11.92
N VAL B 61 -3.84 -5.40 -10.74
CA VAL B 61 -3.18 -6.55 -10.11
C VAL B 61 -3.70 -6.84 -8.71
N ASN B 62 -3.40 -8.06 -8.23
CA ASN B 62 -3.96 -8.55 -6.97
CA ASN B 62 -3.96 -8.56 -6.97
C ASN B 62 -2.93 -8.76 -5.86
N PHE B 63 -1.81 -8.05 -5.93
CA PHE B 63 -0.76 -8.20 -4.91
C PHE B 63 -1.29 -8.01 -3.49
N MET B 64 -2.22 -7.08 -3.36
CA MET B 64 -2.79 -6.72 -2.07
C MET B 64 -4.27 -6.37 -2.23
N GLY B 65 -5.10 -6.81 -1.29
CA GLY B 65 -6.53 -6.55 -1.35
C GLY B 65 -7.39 -7.77 -1.09
N GLY B 66 -6.79 -8.96 -1.15
CA GLY B 66 -7.52 -10.20 -0.96
C GLY B 66 -8.66 -10.34 -1.95
N ASP B 67 -9.80 -10.86 -1.48
CA ASP B 67 -10.94 -11.03 -2.36
C ASP B 67 -11.44 -9.70 -2.95
N LEU B 68 -11.37 -8.65 -2.15
CA LEU B 68 -11.83 -7.36 -2.64
C LEU B 68 -10.90 -6.88 -3.75
N GLY B 69 -9.61 -7.17 -3.59
CA GLY B 69 -8.63 -6.90 -4.64
C GLY B 69 -9.01 -7.61 -5.91
N LYS B 70 -9.43 -8.88 -5.79
CA LYS B 70 -9.87 -9.64 -6.94
C LYS B 70 -11.15 -9.04 -7.55
N ASP B 71 -12.06 -8.56 -6.70
CA ASP B 71 -13.25 -7.88 -7.21
C ASP B 71 -12.85 -6.64 -8.02
N LEU B 72 -11.86 -5.92 -7.52
CA LEU B 72 -11.37 -4.73 -8.20
C LEU B 72 -10.75 -5.07 -9.56
N THR B 73 -10.05 -6.20 -9.64
CA THR B 73 -9.46 -6.59 -10.92
C THR B 73 -10.57 -6.97 -11.91
N GLN B 74 -11.62 -7.62 -11.42
CA GLN B 74 -12.74 -7.99 -12.29
C GLN B 74 -13.53 -6.74 -12.70
N ALA B 75 -13.65 -5.78 -11.80
CA ALA B 75 -14.31 -4.52 -12.14
C ALA B 75 -13.51 -3.72 -13.16
N TRP B 76 -12.19 -3.82 -13.07
CA TRP B 76 -11.35 -3.13 -14.03
C TRP B 76 -11.52 -3.79 -15.41
N ALA B 77 -11.72 -5.09 -15.40
CA ALA B 77 -12.03 -5.80 -16.64
C ALA B 77 -13.35 -5.31 -17.21
N VAL B 78 -14.33 -5.11 -16.35
CA VAL B 78 -15.59 -4.52 -16.82
C VAL B 78 -15.35 -3.13 -17.42
N ALA B 79 -14.52 -2.34 -16.75
CA ALA B 79 -14.18 -0.99 -17.23
C ALA B 79 -13.60 -1.05 -18.64
N MET B 80 -12.66 -1.98 -18.85
CA MET B 80 -12.07 -2.16 -20.17
C MET B 80 -13.09 -2.64 -21.20
N ALA B 81 -13.88 -3.64 -20.80
CA ALA B 81 -14.88 -4.23 -21.67
C ALA B 81 -15.88 -3.19 -22.17
N LEU B 82 -16.20 -2.25 -21.29
CA LEU B 82 -17.19 -1.23 -21.60
C LEU B 82 -16.60 0.04 -22.18
N GLY B 83 -15.27 0.18 -22.13
CA GLY B 83 -14.60 1.39 -22.57
C GLY B 83 -14.89 2.59 -21.70
N VAL B 84 -14.98 2.37 -20.39
CA VAL B 84 -15.30 3.47 -19.48
C VAL B 84 -14.19 3.74 -18.48
N GLU B 85 -12.97 3.35 -18.83
CA GLU B 85 -11.84 3.57 -17.93
C GLU B 85 -11.70 5.05 -17.56
N ASP B 86 -11.93 5.94 -18.52
CA ASP B 86 -11.79 7.38 -18.28
C ASP B 86 -12.91 7.95 -17.42
N LYS B 87 -13.88 7.11 -17.08
CA LYS B 87 -15.03 7.54 -16.28
C LYS B 87 -14.97 7.00 -14.85
N VAL B 88 -14.29 5.88 -14.64
CA VAL B 88 -14.33 5.25 -13.33
C VAL B 88 -12.98 5.22 -12.61
N THR B 89 -11.89 5.56 -13.29
CA THR B 89 -10.58 5.50 -12.63
C THR B 89 -10.52 6.45 -11.42
N VAL B 90 -11.01 7.66 -11.60
CA VAL B 90 -10.99 8.65 -10.51
C VAL B 90 -11.87 8.22 -9.33
N PRO B 91 -13.17 7.92 -9.55
CA PRO B 91 -13.96 7.60 -8.36
C PRO B 91 -13.57 6.28 -7.68
N LEU B 92 -12.96 5.35 -8.42
CA LEU B 92 -12.49 4.13 -7.79
C LEU B 92 -11.28 4.43 -6.90
N PHE B 93 -10.35 5.25 -7.39
CA PHE B 93 -9.17 5.58 -6.60
C PHE B 93 -9.60 6.40 -5.36
N GLU B 94 -10.50 7.36 -5.56
CA GLU B 94 -10.97 8.21 -4.45
C GLU B 94 -11.78 7.39 -3.44
N GLY B 95 -12.63 6.51 -3.96
CA GLY B 95 -13.49 5.70 -3.12
C GLY B 95 -12.72 4.73 -2.25
N VAL B 96 -11.65 4.14 -2.78
CA VAL B 96 -10.87 3.21 -1.99
C VAL B 96 -9.98 3.95 -0.99
N GLN B 97 -9.24 4.97 -1.46
CA GLN B 97 -8.16 5.54 -0.65
C GLN B 97 -8.51 6.81 0.13
N LYS B 98 -9.50 7.58 -0.31
CA LYS B 98 -9.72 8.88 0.31
C LYS B 98 -11.03 8.97 1.08
N THR B 99 -12.15 8.77 0.39
CA THR B 99 -13.46 8.88 1.04
C THR B 99 -13.82 7.60 1.79
N GLN B 100 -13.07 6.54 1.50
CA GLN B 100 -13.26 5.25 2.15
C GLN B 100 -14.71 4.82 2.09
N THR B 101 -15.28 4.99 0.90
CA THR B 101 -16.65 4.63 0.63
C THR B 101 -16.73 3.31 -0.13
N ILE B 102 -15.58 2.83 -0.64
CA ILE B 102 -15.52 1.54 -1.31
C ILE B 102 -14.96 0.47 -0.36
N ARG B 103 -15.83 -0.42 0.11
CA ARG B 103 -15.48 -1.41 1.11
C ARG B 103 -15.78 -2.82 0.62
N SER B 104 -16.52 -2.90 -0.48
CA SER B 104 -16.94 -4.18 -1.03
C SER B 104 -17.27 -4.05 -2.50
N ALA B 105 -17.49 -5.18 -3.17
CA ALA B 105 -17.88 -5.19 -4.58
C ALA B 105 -19.16 -4.39 -4.82
N SER B 106 -20.08 -4.39 -3.87
CA SER B 106 -21.32 -3.65 -4.03
C SER B 106 -21.06 -2.14 -4.19
N ASP B 107 -20.07 -1.63 -3.45
CA ASP B 107 -19.66 -0.23 -3.54
C ASP B 107 -18.97 0.09 -4.88
N ILE B 108 -18.26 -0.90 -5.41
CA ILE B 108 -17.65 -0.73 -6.72
C ILE B 108 -18.73 -0.59 -7.78
N ARG B 109 -19.74 -1.47 -7.70
CA ARG B 109 -20.88 -1.45 -8.62
C ARG B 109 -21.61 -0.09 -8.54
N ASP B 110 -21.81 0.41 -7.33
CA ASP B 110 -22.44 1.72 -7.18
C ASP B 110 -21.65 2.83 -7.89
N VAL B 111 -20.33 2.70 -7.97
CA VAL B 111 -19.50 3.67 -8.66
C VAL B 111 -19.77 3.68 -10.18
N PHE B 112 -19.86 2.50 -10.77
CA PHE B 112 -20.16 2.39 -12.19
C PHE B 112 -21.56 2.93 -12.47
N ILE B 113 -22.52 2.59 -11.61
CA ILE B 113 -23.89 3.08 -11.75
C ILE B 113 -23.94 4.59 -11.63
N ASN B 114 -23.12 5.14 -10.76
CA ASN B 114 -23.10 6.59 -10.60
C ASN B 114 -22.38 7.28 -11.75
N ALA B 115 -21.47 6.56 -12.40
CA ALA B 115 -20.72 7.11 -13.52
C ALA B 115 -21.47 6.99 -14.85
N GLY B 116 -22.68 6.40 -14.81
CA GLY B 116 -23.53 6.38 -16.00
C GLY B 116 -23.73 5.02 -16.62
N ILE B 117 -23.12 4.01 -16.01
CA ILE B 117 -23.30 2.65 -16.47
C ILE B 117 -24.48 2.02 -15.72
N LYS B 118 -25.55 1.65 -16.43
CA LYS B 118 -26.72 1.08 -15.76
C LYS B 118 -26.37 -0.23 -15.06
N GLY B 119 -27.03 -0.51 -13.94
CA GLY B 119 -26.68 -1.66 -13.14
C GLY B 119 -26.80 -2.98 -13.86
N GLU B 120 -27.82 -3.11 -14.71
CA GLU B 120 -28.03 -4.36 -15.45
C GLU B 120 -26.90 -4.58 -16.46
N GLU B 121 -26.40 -3.49 -17.02
CA GLU B 121 -25.33 -3.54 -17.99
C GLU B 121 -23.99 -3.86 -17.31
N TYR B 122 -23.76 -3.27 -16.15
CA TYR B 122 -22.58 -3.61 -15.36
C TYR B 122 -22.57 -5.10 -15.03
N ASP B 123 -23.72 -5.60 -14.60
CA ASP B 123 -23.85 -7.01 -14.22
C ASP B 123 -23.67 -7.94 -15.43
N ALA B 124 -24.25 -7.57 -16.57
CA ALA B 124 -24.04 -8.34 -17.80
C ALA B 124 -22.55 -8.43 -18.15
N ALA B 125 -21.85 -7.31 -18.09
CA ALA B 125 -20.42 -7.30 -18.37
C ALA B 125 -19.67 -8.10 -17.30
N TRP B 126 -20.00 -7.90 -16.03
CA TRP B 126 -19.37 -8.63 -14.92
C TRP B 126 -19.38 -10.13 -15.14
N ASN B 127 -20.52 -10.65 -15.60
CA ASN B 127 -20.69 -12.08 -15.75
C ASN B 127 -20.35 -12.62 -17.15
N SER B 128 -19.79 -11.77 -18.00
CA SER B 128 -19.56 -12.13 -19.39
C SER B 128 -18.28 -12.93 -19.59
N PHE B 129 -18.23 -13.71 -20.67
CA PHE B 129 -16.99 -14.40 -21.02
C PHE B 129 -15.88 -13.42 -21.36
N VAL B 130 -16.24 -12.29 -22.00
CA VAL B 130 -15.24 -11.27 -22.33
C VAL B 130 -14.48 -10.78 -21.11
N VAL B 131 -15.21 -10.52 -20.02
CA VAL B 131 -14.58 -10.06 -18.79
C VAL B 131 -13.83 -11.20 -18.10
N LYS B 132 -14.36 -12.42 -18.17
CA LYS B 132 -13.66 -13.57 -17.62
C LYS B 132 -12.28 -13.72 -18.30
N SER B 133 -12.26 -13.54 -19.62
CA SER B 133 -11.01 -13.61 -20.38
CA SER B 133 -11.02 -13.61 -20.39
C SER B 133 -10.07 -12.45 -20.07
N LEU B 134 -10.64 -11.26 -19.87
CA LEU B 134 -9.84 -10.09 -19.51
C LEU B 134 -9.19 -10.26 -18.13
N VAL B 135 -9.92 -10.90 -17.21
CA VAL B 135 -9.35 -11.16 -15.89
C VAL B 135 -8.13 -12.08 -16.01
N ALA B 136 -8.26 -13.12 -16.82
CA ALA B 136 -7.17 -14.07 -17.06
C ALA B 136 -6.00 -13.38 -17.76
N GLN B 137 -6.31 -12.52 -18.71
CA GLN B 137 -5.31 -11.80 -19.48
C GLN B 137 -4.49 -10.88 -18.56
N GLN B 138 -5.16 -10.22 -17.62
CA GLN B 138 -4.44 -9.36 -16.68
C GLN B 138 -3.46 -10.17 -15.83
N GLU B 139 -3.90 -11.33 -15.34
CA GLU B 139 -3.05 -12.19 -14.51
C GLU B 139 -1.87 -12.74 -15.32
N LYS B 140 -2.15 -13.15 -16.54
CA LYS B 140 -1.13 -13.74 -17.40
C LYS B 140 -0.06 -12.71 -17.75
N ALA B 141 -0.50 -11.49 -18.07
CA ALA B 141 0.43 -10.41 -18.40
C ALA B 141 1.38 -10.15 -17.23
N ALA B 142 0.83 -10.16 -16.02
CA ALA B 142 1.66 -9.94 -14.84
C ALA B 142 2.68 -11.06 -14.67
N ALA B 143 2.23 -12.31 -14.86
CA ALA B 143 3.12 -13.46 -14.78
C ALA B 143 4.26 -13.37 -15.79
N ASP B 144 3.89 -12.99 -17.02
CA ASP B 144 4.81 -12.98 -18.16
C ASP B 144 5.98 -12.01 -17.98
N VAL B 145 5.72 -10.87 -17.35
CA VAL B 145 6.78 -9.89 -17.11
C VAL B 145 7.39 -10.09 -15.73
N GLN B 146 7.00 -11.18 -15.08
CA GLN B 146 7.42 -11.49 -13.71
C GLN B 146 7.26 -10.27 -12.79
N LEU B 147 6.06 -9.71 -12.78
CA LEU B 147 5.78 -8.45 -12.06
C LEU B 147 6.08 -8.55 -10.57
N ARG B 148 6.93 -7.67 -10.07
CA ARG B 148 7.32 -7.70 -8.65
C ARG B 148 6.47 -6.76 -7.80
N GLY B 149 6.03 -5.65 -8.38
CA GLY B 149 5.27 -4.65 -7.65
C GLY B 149 4.67 -3.64 -8.60
N VAL B 150 3.81 -2.77 -8.07
CA VAL B 150 3.23 -1.70 -8.87
C VAL B 150 3.52 -0.37 -8.19
N PRO B 151 3.47 0.74 -8.94
CA PRO B 151 3.18 0.85 -10.39
C PRO B 151 4.36 0.33 -11.23
N ALA B 152 4.06 -0.08 -12.46
CA ALA B 152 5.10 -0.55 -13.40
C ALA B 152 4.63 -0.28 -14.83
N MET B 153 5.57 -0.17 -15.76
CA MET B 153 5.22 0.02 -17.17
C MET B 153 6.28 -0.66 -18.03
N PHE B 154 5.81 -1.29 -19.10
CA PHE B 154 6.63 -2.09 -19.98
C PHE B 154 6.36 -1.69 -21.43
N VAL B 155 7.41 -1.63 -22.23
CA VAL B 155 7.25 -1.27 -23.64
C VAL B 155 7.62 -2.46 -24.52
N ASN B 156 6.68 -2.83 -25.38
CA ASN B 156 6.83 -3.90 -26.37
C ASN B 156 7.25 -5.24 -25.78
N GLY B 157 6.89 -5.46 -24.52
CA GLY B 157 7.21 -6.70 -23.84
C GLY B 157 8.70 -6.89 -23.65
N LYS B 158 9.48 -5.84 -23.85
CA LYS B 158 10.94 -5.96 -23.82
C LYS B 158 11.61 -5.10 -22.74
N TYR B 159 11.05 -3.92 -22.52
CA TYR B 159 11.70 -2.92 -21.67
C TYR B 159 10.81 -2.53 -20.48
N GLN B 160 11.42 -2.41 -19.30
CA GLN B 160 10.73 -2.05 -18.07
C GLN B 160 11.15 -0.65 -17.63
N LEU B 161 10.19 0.23 -17.43
CA LEU B 161 10.54 1.58 -16.98
C LEU B 161 11.22 1.51 -15.62
N ASN B 162 12.19 2.40 -15.39
CA ASN B 162 12.95 2.43 -14.16
C ASN B 162 12.97 3.82 -13.55
N PRO B 163 11.87 4.19 -12.88
CA PRO B 163 11.72 5.54 -12.33
C PRO B 163 12.74 5.87 -11.24
N GLN B 164 13.36 4.86 -10.64
CA GLN B 164 14.36 5.13 -9.61
C GLN B 164 15.59 5.82 -10.21
N GLY B 165 15.80 5.62 -11.52
CA GLY B 165 16.89 6.26 -12.23
C GLY B 165 16.47 7.55 -12.93
N MET B 166 15.58 8.31 -12.27
CA MET B 166 15.05 9.55 -12.83
C MET B 166 15.04 10.69 -11.82
N ASP B 167 14.99 11.92 -12.34
CA ASP B 167 15.03 13.12 -11.51
C ASP B 167 13.70 13.36 -10.78
N THR B 168 13.78 13.50 -9.47
CA THR B 168 12.61 13.77 -8.63
C THR B 168 12.77 15.04 -7.81
N SER B 169 13.54 16.00 -8.33
CA SER B 169 13.70 17.30 -7.68
C SER B 169 12.34 17.98 -7.59
N ASN B 170 11.56 17.79 -8.66
CA ASN B 170 10.15 18.17 -8.64
CA ASN B 170 10.16 18.20 -8.68
C ASN B 170 9.35 17.21 -9.51
N MET B 171 8.05 17.14 -9.27
CA MET B 171 7.24 16.14 -9.93
C MET B 171 6.99 16.44 -11.41
N ASP B 172 6.91 17.71 -11.78
CA ASP B 172 6.71 18.06 -13.18
C ASP B 172 7.82 17.50 -14.08
N VAL B 173 9.07 17.66 -13.67
CA VAL B 173 10.21 17.19 -14.45
C VAL B 173 10.26 15.66 -14.52
N PHE B 174 9.94 15.01 -13.41
CA PHE B 174 9.89 13.57 -13.36
C PHE B 174 8.93 13.03 -14.40
N VAL B 175 7.75 13.65 -14.47
CA VAL B 175 6.73 13.21 -15.39
C VAL B 175 7.23 13.29 -16.83
N GLN B 176 7.98 14.34 -17.15
CA GLN B 176 8.41 14.49 -18.53
C GLN B 176 9.55 13.52 -18.81
N GLN B 177 10.43 13.31 -17.83
CA GLN B 177 11.52 12.35 -17.99
CA GLN B 177 11.50 12.34 -17.99
C GLN B 177 10.96 10.95 -18.21
N TYR B 178 9.95 10.60 -17.43
CA TYR B 178 9.28 9.32 -17.56
C TYR B 178 8.64 9.18 -18.94
N ALA B 179 7.82 10.16 -19.34
CA ALA B 179 7.13 10.10 -20.63
C ALA B 179 8.11 10.08 -21.81
N ASP B 180 9.18 10.87 -21.72
CA ASP B 180 10.18 10.89 -22.78
C ASP B 180 10.82 9.51 -22.93
N THR B 181 10.97 8.81 -21.81
CA THR B 181 11.58 7.48 -21.84
C THR B 181 10.69 6.47 -22.55
N VAL B 182 9.39 6.53 -22.25
CA VAL B 182 8.44 5.66 -22.94
C VAL B 182 8.45 5.93 -24.45
N LYS B 183 8.42 7.21 -24.83
CA LYS B 183 8.46 7.59 -26.24
C LYS B 183 9.73 7.06 -26.90
N TYR B 184 10.87 7.24 -26.23
CA TYR B 184 12.13 6.73 -26.74
C TYR B 184 12.11 5.23 -26.97
N LEU B 185 11.64 4.47 -25.98
CA LEU B 185 11.60 3.02 -26.06
C LEU B 185 10.64 2.54 -27.15
N SER B 186 9.57 3.28 -27.37
CA SER B 186 8.59 2.90 -28.37
C SER B 186 9.17 3.12 -29.77
N GLU B 187 10.21 3.94 -29.86
CA GLU B 187 10.82 4.27 -31.16
C GLU B 187 12.01 3.36 -31.48
N LYS B 188 12.37 2.46 -30.58
CA LYS B 188 13.52 1.58 -30.80
C LYS B 188 13.22 0.54 -31.86
#